data_5YK2
#
_entry.id   5YK2
#
_cell.length_a   187.238
_cell.length_b   187.238
_cell.length_c   67.205
_cell.angle_alpha   90.00
_cell.angle_beta   90.00
_cell.angle_gamma   120.00
#
_symmetry.space_group_name_H-M   'P 63 2 2'
#
loop_
_entity.id
_entity.type
_entity.pdbx_description
1 polymer 'Probable conserved ATP-binding protein ABC transporter'
2 non-polymer 'ERYTHROMYCIN A'
#
_entity_poly.entity_id   1
_entity_poly.type   'polypeptide(L)'
_entity_poly.pdbx_seq_one_letter_code
;GPLGSMDDGSVSDIKRGRAARNAKLASIPVGFAGRAALGLGKRLTGKSKDEVTAELMEKAANQLFTVLGELKGGAMKVGQ
ALSVMEAAIPDEFGEPYREALTKLQKDAPPLPASKVHRVLDGQLGTKWRERFSSFNDTPVASASIGQVHKAIWSDGREVA
VKIQYPGADEALRADLKTMQRMVGVLKQLSPGADVQGVVDELVERTEMELDYRLEAANQRAFAKAYHDHPRFQVPHVVAS
APKVVIQEWIEGVPMAEIIRHGTTEQRDLIGTLLAELTFDAPRRLGLMHGDAHPGNFMLLPDGRMGIIDFGAVAPMPGGF
PIELGMTIRLAREKNYDLLLPTMEKAGLIQRGRQVSVREIDEMLRQYVEPIQVEVFHYTRKWLQKMTVSQIDRSVAQIRT
ARQMDLPAKLAIPMRVIASVGAILCQLDAHVPIKALSEELIPGFAEPDAIVV
;
_entity_poly.pdbx_strand_id   A
#
loop_
_chem_comp.id
_chem_comp.type
_chem_comp.name
_chem_comp.formula
ERY non-polymer 'ERYTHROMYCIN A' 'C37 H67 N O13'
#
# COMPACT_ATOMS: atom_id res chain seq x y z
N SER A 48 28.79 -6.40 7.02
CA SER A 48 27.50 -5.87 7.47
C SER A 48 27.29 -4.44 7.04
N LYS A 49 28.19 -3.97 6.18
CA LYS A 49 28.35 -2.56 5.86
C LYS A 49 27.34 -2.04 4.83
N ASP A 50 26.71 -2.93 4.06
CA ASP A 50 25.66 -2.51 3.13
C ASP A 50 24.34 -2.33 3.84
N GLU A 51 24.07 -3.17 4.83
CA GLU A 51 22.91 -3.02 5.66
C GLU A 51 23.08 -1.81 6.58
N VAL A 52 24.33 -1.37 6.77
CA VAL A 52 24.60 -0.11 7.48
C VAL A 52 24.26 1.08 6.60
N THR A 53 24.43 0.91 5.29
CA THR A 53 23.97 1.90 4.32
C THR A 53 22.44 1.94 4.31
N ALA A 54 21.82 0.77 4.49
CA ALA A 54 20.37 0.66 4.51
C ALA A 54 19.75 1.42 5.68
N GLU A 55 20.41 1.35 6.83
CA GLU A 55 19.95 2.07 8.01
C GLU A 55 20.14 3.57 7.84
N LEU A 56 21.25 3.94 7.22
CA LEU A 56 21.57 5.33 6.94
C LEU A 56 20.66 5.90 5.86
N MET A 57 20.17 5.02 4.99
CA MET A 57 19.27 5.43 3.93
C MET A 57 17.86 5.62 4.48
N GLU A 58 17.45 4.76 5.40
CA GLU A 58 16.13 4.86 6.02
C GLU A 58 16.06 6.07 6.96
N LYS A 59 17.19 6.39 7.58
CA LYS A 59 17.25 7.48 8.54
C LYS A 59 17.24 8.83 7.82
N ALA A 60 17.90 8.89 6.68
CA ALA A 60 17.90 10.10 5.87
C ALA A 60 16.54 10.32 5.21
N ALA A 61 15.88 9.21 4.88
CA ALA A 61 14.56 9.26 4.24
C ALA A 61 13.48 9.66 5.24
N ASN A 62 13.63 9.20 6.48
CA ASN A 62 12.62 9.45 7.50
C ASN A 62 12.70 10.88 8.06
N GLN A 63 13.91 11.45 8.05
CA GLN A 63 14.08 12.82 8.52
C GLN A 63 13.71 13.80 7.43
N LEU A 64 13.76 13.35 6.18
CA LEU A 64 13.34 14.17 5.05
C LEU A 64 11.83 14.38 5.10
N PHE A 65 11.10 13.32 5.46
CA PHE A 65 9.65 13.39 5.58
C PHE A 65 9.25 14.20 6.81
N THR A 66 10.14 14.26 7.80
CA THR A 66 9.92 15.12 8.95
C THR A 66 10.01 16.58 8.53
N VAL A 67 11.03 16.89 7.74
CA VAL A 67 11.21 18.24 7.20
C VAL A 67 10.02 18.63 6.33
N LEU A 68 9.57 17.69 5.51
CA LEU A 68 8.38 17.89 4.68
C LEU A 68 7.16 18.17 5.55
N GLY A 69 7.09 17.47 6.69
CA GLY A 69 5.99 17.66 7.63
C GLY A 69 6.03 19.02 8.30
N GLU A 70 7.25 19.55 8.45
CA GLU A 70 7.43 20.85 9.07
C GLU A 70 7.01 21.97 8.12
N LEU A 71 7.42 21.85 6.87
CA LEU A 71 7.20 22.90 5.88
C LEU A 71 5.78 22.88 5.30
N LYS A 72 5.22 21.69 5.13
CA LYS A 72 3.94 21.55 4.46
C LYS A 72 2.78 21.25 5.43
N GLY A 73 3.13 20.93 6.67
CA GLY A 73 2.12 20.55 7.65
C GLY A 73 2.05 21.42 8.88
N GLY A 74 2.91 21.14 9.86
CA GLY A 74 2.85 21.80 11.15
C GLY A 74 3.26 23.26 11.15
N ALA A 75 3.84 23.72 10.05
CA ALA A 75 4.29 25.11 9.89
C ALA A 75 5.31 25.52 10.95
N MET A 76 5.98 24.52 11.52
CA MET A 76 7.04 24.74 12.51
C MET A 76 7.85 23.47 12.69
N LYS A 77 9.03 23.59 13.28
CA LYS A 77 9.91 22.45 13.48
C LYS A 77 9.33 21.48 14.49
N VAL A 78 9.78 20.23 14.43
CA VAL A 78 9.31 19.20 15.35
C VAL A 78 9.75 19.53 16.77
N GLY A 79 10.94 20.11 16.91
CA GLY A 79 11.45 20.52 18.20
C GLY A 79 10.62 21.63 18.81
N GLN A 80 10.28 22.63 17.99
CA GLN A 80 9.47 23.75 18.44
CA GLN A 80 9.45 23.75 18.42
C GLN A 80 8.05 23.29 18.80
N ALA A 81 7.49 22.39 18.00
CA ALA A 81 6.14 21.89 18.23
C ALA A 81 6.05 21.06 19.50
N LEU A 82 7.09 20.28 19.77
CA LEU A 82 7.12 19.44 20.96
C LEU A 82 7.10 20.29 22.23
N SER A 83 7.71 21.47 22.15
CA SER A 83 7.71 22.41 23.27
C SER A 83 6.31 22.91 23.55
N VAL A 84 5.61 23.34 22.50
CA VAL A 84 4.25 23.85 22.63
C VAL A 84 3.29 22.79 23.14
N MET A 85 3.42 21.57 22.61
CA MET A 85 2.55 20.46 23.00
C MET A 85 2.78 20.03 24.45
N GLU A 86 3.99 20.28 24.95
CA GLU A 86 4.34 19.91 26.31
C GLU A 86 3.57 20.77 27.31
N ALA A 87 3.30 22.01 26.93
CA ALA A 87 2.60 22.95 27.79
C ALA A 87 1.10 22.96 27.52
N ALA A 88 0.74 22.85 26.24
CA ALA A 88 -0.67 22.93 25.83
C ALA A 88 -1.43 21.65 26.15
N ILE A 89 -0.71 20.59 26.50
CA ILE A 89 -1.34 19.33 26.87
C ILE A 89 -1.03 18.98 28.32
N PRO A 90 -2.08 18.81 29.14
CA PRO A 90 -1.97 18.52 30.58
C PRO A 90 -1.12 17.29 30.87
N ASP A 91 -0.48 17.29 32.03
CA ASP A 91 0.31 16.14 32.47
C ASP A 91 -0.60 15.00 32.94
N GLU A 92 -1.87 15.33 33.18
CA GLU A 92 -2.85 14.33 33.59
C GLU A 92 -3.20 13.41 32.42
N PHE A 93 -2.96 13.90 31.19
CA PHE A 93 -3.22 13.11 29.99
C PHE A 93 -1.95 12.42 29.51
N GLY A 94 -0.80 12.84 30.04
CA GLY A 94 0.48 12.36 29.58
C GLY A 94 0.77 10.90 29.84
N GLU A 95 0.33 10.38 30.98
CA GLU A 95 0.74 9.05 31.42
C GLU A 95 -0.36 7.97 31.49
N PRO A 96 -1.63 8.35 31.74
CA PRO A 96 -2.68 7.33 31.52
C PRO A 96 -2.60 6.73 30.11
N TYR A 97 -1.98 7.47 29.20
CA TYR A 97 -1.58 6.97 27.90
C TYR A 97 -0.35 6.05 28.03
N ARG A 98 0.62 6.46 28.84
CA ARG A 98 1.84 5.67 29.04
C ARG A 98 1.57 4.22 29.47
N GLU A 99 0.66 4.03 30.42
CA GLU A 99 0.37 2.71 30.98
C GLU A 99 -0.17 1.73 29.94
N ALA A 100 -0.91 2.26 28.97
CA ALA A 100 -1.53 1.42 27.94
C ALA A 100 -0.50 0.80 27.01
N LEU A 101 0.68 1.41 26.94
CA LEU A 101 1.69 0.99 25.97
C LEU A 101 2.71 0.01 26.54
N THR A 102 2.70 -0.15 27.86
CA THR A 102 3.69 -1.00 28.51
C THR A 102 3.28 -2.47 28.49
N LYS A 103 1.99 -2.74 28.32
CA LYS A 103 1.50 -4.11 28.29
C LYS A 103 2.13 -4.88 27.13
N LEU A 104 2.32 -4.20 26.01
CA LEU A 104 3.03 -4.77 24.87
C LEU A 104 4.54 -4.67 25.10
N ALA A 108 9.66 -13.10 25.36
CA ALA A 108 8.86 -11.88 25.44
C ALA A 108 8.51 -11.30 24.06
N PRO A 109 9.48 -11.28 23.11
CA PRO A 109 9.03 -10.81 21.79
C PRO A 109 8.03 -11.75 21.09
N PRO A 110 8.27 -13.08 21.04
CA PRO A 110 7.18 -13.87 20.49
C PRO A 110 6.15 -14.22 21.57
N LEU A 111 4.88 -14.23 21.18
CA LEU A 111 3.80 -14.44 22.15
C LEU A 111 3.77 -15.88 22.67
N PRO A 112 3.76 -16.03 24.01
CA PRO A 112 3.61 -17.34 24.64
C PRO A 112 2.30 -18.02 24.24
N ALA A 113 2.29 -19.34 24.23
CA ALA A 113 1.14 -20.11 23.77
C ALA A 113 -0.11 -19.86 24.62
N SER A 114 0.09 -19.68 25.92
CA SER A 114 -1.03 -19.45 26.84
C SER A 114 -1.79 -18.17 26.50
N LYS A 115 -1.07 -17.20 25.96
CA LYS A 115 -1.67 -15.93 25.57
C LYS A 115 -2.37 -16.03 24.21
N VAL A 116 -1.89 -16.95 23.38
CA VAL A 116 -2.51 -17.19 22.08
C VAL A 116 -3.89 -17.81 22.27
N HIS A 117 -3.97 -18.76 23.19
CA HIS A 117 -5.24 -19.35 23.59
C HIS A 117 -6.14 -18.27 24.15
N ARG A 118 -5.57 -17.42 25.00
CA ARG A 118 -6.29 -16.32 25.63
C ARG A 118 -6.99 -15.41 24.63
N VAL A 119 -6.26 -14.98 23.61
CA VAL A 119 -6.83 -14.15 22.55
C VAL A 119 -7.88 -14.93 21.77
N LEU A 120 -7.61 -16.22 21.55
CA LEU A 120 -8.55 -17.08 20.86
C LEU A 120 -9.78 -17.39 21.72
N ASP A 121 -9.61 -17.34 23.04
CA ASP A 121 -10.71 -17.54 23.96
C ASP A 121 -11.69 -16.39 23.88
N GLY A 122 -11.21 -15.23 23.42
CA GLY A 122 -12.02 -14.04 23.36
C GLY A 122 -12.72 -13.85 22.02
N GLN A 123 -11.95 -13.93 20.95
CA GLN A 123 -12.47 -13.65 19.61
C GLN A 123 -13.34 -14.78 19.08
N LEU A 124 -12.94 -16.02 19.35
CA LEU A 124 -13.68 -17.16 18.82
C LEU A 124 -14.55 -17.81 19.91
N GLY A 125 -14.12 -17.68 21.16
CA GLY A 125 -14.96 -18.07 22.26
C GLY A 125 -14.45 -19.24 23.09
N THR A 126 -15.39 -19.97 23.67
CA THR A 126 -15.08 -21.04 24.60
C THR A 126 -14.68 -22.32 23.87
N LYS A 127 -15.35 -22.61 22.76
CA LYS A 127 -15.12 -23.86 22.04
C LYS A 127 -14.44 -23.62 20.69
N TRP A 128 -13.37 -22.82 20.69
CA TRP A 128 -12.68 -22.47 19.45
C TRP A 128 -11.87 -23.64 18.90
N ARG A 129 -11.53 -24.59 19.77
CA ARG A 129 -10.79 -25.77 19.36
C ARG A 129 -11.68 -26.77 18.64
N GLU A 130 -12.99 -26.52 18.65
CA GLU A 130 -13.95 -27.39 17.98
C GLU A 130 -14.21 -26.94 16.55
N ARG A 131 -13.66 -25.79 16.19
CA ARG A 131 -13.73 -25.32 14.81
C ARG A 131 -12.45 -25.67 14.07
N PHE A 132 -11.46 -26.14 14.83
CA PHE A 132 -10.20 -26.59 14.27
C PHE A 132 -10.07 -28.11 14.37
N SER A 133 -9.30 -28.70 13.46
CA SER A 133 -8.95 -30.11 13.53
C SER A 133 -7.64 -30.26 14.29
N SER A 134 -6.81 -29.23 14.20
CA SER A 134 -5.55 -29.16 14.92
C SER A 134 -5.04 -27.72 14.90
N PHE A 135 -4.16 -27.40 15.84
CA PHE A 135 -3.62 -26.05 15.92
C PHE A 135 -2.17 -26.04 16.38
N ASN A 136 -1.28 -25.49 15.56
CA ASN A 136 0.13 -25.38 15.90
C ASN A 136 0.37 -24.16 16.79
N ASP A 137 0.82 -24.41 18.02
CA ASP A 137 1.03 -23.33 18.99
C ASP A 137 2.25 -22.48 18.64
N THR A 138 3.13 -23.02 17.79
CA THR A 138 4.30 -22.28 17.35
C THR A 138 3.98 -21.48 16.09
N PRO A 139 4.13 -20.15 16.16
CA PRO A 139 3.87 -19.24 15.04
C PRO A 139 4.78 -19.50 13.84
N VAL A 140 4.24 -19.33 12.63
CA VAL A 140 5.02 -19.54 11.43
C VAL A 140 5.53 -18.22 10.87
N ALA A 141 4.96 -17.12 11.34
CA ALA A 141 5.34 -15.80 10.88
C ALA A 141 4.97 -14.73 11.90
N SER A 142 5.33 -13.48 11.60
CA SER A 142 5.03 -12.36 12.48
C SER A 142 4.26 -11.28 11.73
N ALA A 143 3.21 -10.76 12.36
CA ALA A 143 2.43 -9.67 11.78
C ALA A 143 2.94 -8.34 12.31
N SER A 144 2.25 -7.26 11.96
CA SER A 144 2.62 -5.92 12.43
C SER A 144 2.43 -5.81 13.93
N ILE A 145 1.25 -6.19 14.40
CA ILE A 145 0.95 -6.18 15.83
C ILE A 145 0.38 -7.52 16.27
N GLY A 146 0.91 -8.60 15.70
CA GLY A 146 0.45 -9.93 16.04
C GLY A 146 1.28 -11.07 15.45
N GLN A 147 0.73 -12.28 15.52
CA GLN A 147 1.40 -13.47 15.01
C GLN A 147 0.53 -14.24 14.05
N VAL A 148 1.16 -15.05 13.21
CA VAL A 148 0.44 -15.91 12.27
C VAL A 148 0.67 -17.37 12.61
N HIS A 149 -0.43 -18.11 12.77
CA HIS A 149 -0.35 -19.53 13.11
C HIS A 149 -0.93 -20.42 12.01
N LYS A 150 -0.21 -21.49 11.69
CA LYS A 150 -0.69 -22.47 10.73
C LYS A 150 -1.49 -23.56 11.44
N ALA A 151 -2.63 -23.93 10.87
CA ALA A 151 -3.48 -24.93 11.50
C ALA A 151 -4.36 -25.64 10.48
N ILE A 152 -5.23 -26.51 10.97
CA ILE A 152 -6.15 -27.25 10.10
C ILE A 152 -7.59 -27.01 10.52
N TRP A 153 -8.42 -26.56 9.58
CA TRP A 153 -9.81 -26.26 9.86
C TRP A 153 -10.61 -27.55 10.06
N SER A 154 -11.87 -27.41 10.47
CA SER A 154 -12.72 -28.56 10.77
C SER A 154 -13.10 -29.35 9.52
N ASP A 155 -13.08 -28.70 8.37
CA ASP A 155 -13.47 -29.35 7.13
C ASP A 155 -12.29 -30.02 6.44
N GLY A 156 -11.12 -29.96 7.08
CA GLY A 156 -9.94 -30.63 6.58
C GLY A 156 -8.94 -29.73 5.88
N ARG A 157 -9.34 -28.47 5.65
CA ARG A 157 -8.48 -27.53 4.95
C ARG A 157 -7.39 -26.96 5.86
N GLU A 158 -6.21 -26.73 5.28
CA GLU A 158 -5.16 -26.01 5.98
C GLU A 158 -5.46 -24.52 5.97
N VAL A 159 -5.47 -23.91 7.15
CA VAL A 159 -5.79 -22.49 7.25
C VAL A 159 -4.70 -21.70 7.98
N ALA A 160 -4.53 -20.45 7.58
CA ALA A 160 -3.60 -19.54 8.25
C ALA A 160 -4.36 -18.63 9.21
N VAL A 161 -3.94 -18.62 10.47
CA VAL A 161 -4.63 -17.85 11.50
C VAL A 161 -3.77 -16.71 12.04
N LYS A 162 -4.27 -15.48 11.93
CA LYS A 162 -3.56 -14.32 12.45
C LYS A 162 -4.09 -13.91 13.82
N ILE A 163 -3.18 -13.80 14.78
CA ILE A 163 -3.55 -13.45 16.16
C ILE A 163 -2.94 -12.13 16.59
N GLN A 164 -3.79 -11.17 16.96
CA GLN A 164 -3.31 -9.87 17.41
C GLN A 164 -2.93 -9.91 18.89
N TYR A 165 -1.85 -9.19 19.23
CA TYR A 165 -1.39 -9.11 20.62
C TYR A 165 -2.46 -8.48 21.51
N PRO A 166 -2.57 -8.98 22.76
CA PRO A 166 -3.60 -8.56 23.72
C PRO A 166 -3.61 -7.06 24.03
N GLY A 167 -2.43 -6.47 24.22
CA GLY A 167 -2.34 -5.08 24.61
C GLY A 167 -2.07 -4.13 23.47
N ALA A 168 -2.48 -4.51 22.27
CA ALA A 168 -2.24 -3.68 21.09
C ALA A 168 -3.43 -2.77 20.80
N ASP A 169 -4.62 -3.22 21.18
CA ASP A 169 -5.83 -2.43 20.96
C ASP A 169 -5.77 -1.12 21.74
N GLU A 170 -5.42 -1.21 23.01
CA GLU A 170 -5.35 -0.02 23.85
C GLU A 170 -4.14 0.85 23.49
N ALA A 171 -3.02 0.20 23.20
CA ALA A 171 -1.78 0.91 22.90
C ALA A 171 -1.90 1.80 21.67
N LEU A 172 -2.58 1.29 20.65
CA LEU A 172 -2.71 2.01 19.38
C LEU A 172 -3.85 3.03 19.43
N ARG A 173 -4.93 2.69 20.12
CA ARG A 173 -6.06 3.60 20.25
C ARG A 173 -5.69 4.82 21.10
N ALA A 174 -4.86 4.58 22.12
CA ALA A 174 -4.34 5.68 22.93
C ALA A 174 -3.39 6.51 22.08
N ASP A 175 -2.55 5.83 21.31
CA ASP A 175 -1.60 6.48 20.43
C ASP A 175 -2.33 7.37 19.42
N LEU A 176 -3.54 6.97 19.06
CA LEU A 176 -4.39 7.75 18.16
C LEU A 176 -4.86 9.03 18.84
N LYS A 177 -5.37 8.90 20.06
CA LYS A 177 -5.92 10.04 20.80
C LYS A 177 -4.85 11.09 21.11
N THR A 178 -3.64 10.63 21.42
CA THR A 178 -2.54 11.53 21.71
C THR A 178 -2.18 12.37 20.49
N MET A 179 -2.00 11.71 19.34
CA MET A 179 -1.67 12.40 18.11
C MET A 179 -2.84 13.28 17.64
N GLN A 180 -4.06 12.81 17.90
CA GLN A 180 -5.26 13.59 17.60
C GLN A 180 -5.29 14.84 18.46
N ARG A 181 -4.79 14.71 19.69
CA ARG A 181 -4.72 15.83 20.62
C ARG A 181 -3.67 16.83 20.14
N MET A 182 -2.59 16.31 19.56
CA MET A 182 -1.51 17.15 19.06
C MET A 182 -1.92 17.93 17.81
N VAL A 183 -2.79 17.31 17.00
CA VAL A 183 -3.31 17.97 15.80
C VAL A 183 -4.09 19.22 16.20
N GLY A 184 -4.83 19.11 17.31
CA GLY A 184 -5.57 20.24 17.85
C GLY A 184 -4.65 21.38 18.23
N VAL A 185 -3.52 21.04 18.84
CA VAL A 185 -2.54 22.05 19.25
C VAL A 185 -2.01 22.81 18.04
N LEU A 186 -1.63 22.09 17.00
CA LEU A 186 -1.11 22.69 15.78
C LEU A 186 -2.15 23.56 15.08
N LYS A 187 -3.39 23.08 15.05
CA LYS A 187 -4.46 23.81 14.38
C LYS A 187 -4.79 25.12 15.08
N GLN A 188 -4.74 25.10 16.41
CA GLN A 188 -5.15 26.25 17.21
C GLN A 188 -4.02 27.24 17.47
N LEU A 189 -2.78 26.75 17.51
CA LEU A 189 -1.66 27.58 17.96
C LEU A 189 -0.60 27.83 16.89
N SER A 190 -0.52 26.98 15.88
CA SER A 190 0.48 27.15 14.83
C SER A 190 -0.12 27.84 13.61
N PRO A 191 0.29 29.09 13.36
CA PRO A 191 -0.24 29.91 12.27
C PRO A 191 0.17 29.40 10.88
N GLY A 192 -0.81 29.21 10.00
CA GLY A 192 -0.55 28.77 8.64
C GLY A 192 -0.29 27.29 8.51
N ALA A 193 -0.87 26.50 9.42
CA ALA A 193 -0.66 25.06 9.41
C ALA A 193 -1.75 24.34 8.63
N ASP A 194 -1.33 23.38 7.80
CA ASP A 194 -2.26 22.56 7.04
C ASP A 194 -2.39 21.18 7.69
N VAL A 195 -3.55 20.92 8.29
CA VAL A 195 -3.77 19.66 8.98
C VAL A 195 -5.10 19.00 8.61
N GLN A 196 -5.63 19.35 7.44
CA GLN A 196 -6.90 18.78 6.98
C GLN A 196 -6.76 17.28 6.79
N GLY A 197 -7.77 16.54 7.22
CA GLY A 197 -7.85 15.11 6.96
C GLY A 197 -6.77 14.26 7.61
N VAL A 198 -5.88 14.91 8.36
CA VAL A 198 -4.81 14.20 9.06
C VAL A 198 -5.42 13.31 10.14
N VAL A 199 -6.44 13.82 10.82
CA VAL A 199 -7.16 13.05 11.82
C VAL A 199 -7.92 11.90 11.15
N ASP A 200 -8.58 12.19 10.04
CA ASP A 200 -9.31 11.17 9.29
C ASP A 200 -8.39 10.06 8.82
N GLU A 201 -7.18 10.44 8.39
CA GLU A 201 -6.17 9.48 7.95
C GLU A 201 -5.76 8.57 9.11
N LEU A 202 -5.43 9.17 10.24
CA LEU A 202 -4.96 8.42 11.40
C LEU A 202 -6.03 7.50 12.00
N VAL A 203 -7.27 7.98 12.02
CA VAL A 203 -8.38 7.18 12.52
C VAL A 203 -8.61 5.96 11.62
N GLU A 204 -8.52 6.18 10.32
CA GLU A 204 -8.74 5.10 9.36
C GLU A 204 -7.61 4.08 9.41
N ARG A 205 -6.37 4.56 9.44
CA ARG A 205 -5.20 3.69 9.53
C ARG A 205 -5.25 2.81 10.78
N THR A 206 -5.63 3.41 11.90
CA THR A 206 -5.57 2.76 13.20
C THR A 206 -6.45 1.51 13.28
N GLU A 207 -7.69 1.67 12.88
CA GLU A 207 -8.71 0.66 13.00
C GLU A 207 -8.59 -0.40 11.91
N MET A 208 -7.95 -0.04 10.82
CA MET A 208 -7.62 -0.97 9.75
C MET A 208 -6.56 -1.94 10.27
N GLU A 209 -5.77 -1.47 11.24
CA GLU A 209 -4.76 -2.29 11.88
C GLU A 209 -5.33 -3.04 13.08
N LEU A 210 -6.38 -2.47 13.70
CA LEU A 210 -6.93 -3.04 14.93
C LEU A 210 -8.18 -3.89 14.70
N ASP A 211 -8.85 -3.69 13.58
CA ASP A 211 -10.03 -4.49 13.26
C ASP A 211 -9.78 -5.36 12.03
N TYR A 212 -9.46 -6.62 12.27
CA TYR A 212 -9.13 -7.55 11.18
C TYR A 212 -10.32 -7.85 10.28
N ARG A 213 -11.53 -7.57 10.77
CA ARG A 213 -12.74 -7.80 10.00
C ARG A 213 -12.80 -6.87 8.78
N LEU A 214 -12.18 -5.71 8.90
CA LEU A 214 -12.16 -4.75 7.81
C LEU A 214 -11.25 -5.22 6.68
N GLU A 215 -10.09 -5.77 7.05
CA GLU A 215 -9.16 -6.32 6.08
C GLU A 215 -9.74 -7.58 5.44
N ALA A 216 -10.42 -8.38 6.26
CA ALA A 216 -11.02 -9.62 5.80
C ALA A 216 -12.17 -9.36 4.83
N ALA A 217 -12.89 -8.27 5.06
CA ALA A 217 -14.01 -7.90 4.19
C ALA A 217 -13.51 -7.54 2.79
N ASN A 218 -12.35 -6.88 2.74
CA ASN A 218 -11.73 -6.54 1.47
C ASN A 218 -11.27 -7.78 0.72
N GLN A 219 -10.79 -8.76 1.47
CA GLN A 219 -10.30 -10.00 0.86
C GLN A 219 -11.45 -10.84 0.31
N ARG A 220 -12.59 -10.82 1.00
CA ARG A 220 -13.77 -11.52 0.52
C ARG A 220 -14.25 -10.95 -0.81
N ALA A 221 -13.99 -9.67 -1.02
CA ALA A 221 -14.35 -9.00 -2.27
C ALA A 221 -13.47 -9.51 -3.42
N PHE A 222 -12.18 -9.66 -3.15
CA PHE A 222 -11.24 -10.13 -4.17
C PHE A 222 -11.31 -11.64 -4.34
N ALA A 223 -11.87 -12.33 -3.34
CA ALA A 223 -11.98 -13.78 -3.39
C ALA A 223 -13.06 -14.21 -4.38
N LYS A 224 -14.08 -13.38 -4.55
CA LYS A 224 -15.19 -13.69 -5.44
C LYS A 224 -14.85 -13.36 -6.89
N ALA A 225 -14.31 -12.16 -7.11
CA ALA A 225 -13.95 -11.71 -8.44
C ALA A 225 -12.82 -12.56 -9.01
N TYR A 226 -11.95 -13.06 -8.14
CA TYR A 226 -10.83 -13.87 -8.56
C TYR A 226 -10.91 -15.28 -8.01
N HIS A 227 -12.13 -15.82 -8.02
CA HIS A 227 -12.34 -17.24 -7.81
C HIS A 227 -12.20 -17.92 -9.16
N ASP A 228 -11.51 -19.06 -9.18
CA ASP A 228 -11.29 -19.85 -10.39
C ASP A 228 -10.42 -19.19 -11.46
N HIS A 229 -9.84 -18.03 -11.14
CA HIS A 229 -9.07 -17.27 -12.14
C HIS A 229 -7.84 -18.04 -12.62
N PRO A 230 -7.56 -17.95 -13.93
CA PRO A 230 -6.41 -18.64 -14.54
C PRO A 230 -5.04 -18.15 -14.03
N ARG A 231 -4.96 -16.88 -13.65
CA ARG A 231 -3.66 -16.28 -13.35
C ARG A 231 -3.51 -15.81 -11.90
N PHE A 232 -4.62 -15.59 -11.21
CA PHE A 232 -4.55 -15.11 -9.84
C PHE A 232 -5.29 -16.01 -8.85
N GLN A 233 -4.70 -16.19 -7.67
CA GLN A 233 -5.31 -17.00 -6.62
C GLN A 233 -5.42 -16.21 -5.32
N VAL A 234 -6.64 -15.96 -4.89
CA VAL A 234 -6.89 -15.25 -3.65
C VAL A 234 -7.54 -16.18 -2.63
N PRO A 235 -6.82 -16.44 -1.51
CA PRO A 235 -7.31 -17.31 -0.44
C PRO A 235 -8.63 -16.85 0.15
N HIS A 236 -9.57 -17.78 0.33
CA HIS A 236 -10.86 -17.45 0.91
C HIS A 236 -10.74 -17.19 2.40
N VAL A 237 -11.57 -16.28 2.91
CA VAL A 237 -11.63 -16.00 4.34
C VAL A 237 -12.58 -16.98 5.01
N VAL A 238 -12.05 -17.76 5.96
CA VAL A 238 -12.84 -18.78 6.63
C VAL A 238 -13.58 -18.21 7.83
N ALA A 239 -12.89 -17.35 8.59
CA ALA A 239 -13.48 -16.72 9.77
C ALA A 239 -12.83 -15.37 10.05
N SER A 240 -13.63 -14.41 10.49
CA SER A 240 -13.13 -13.07 10.76
C SER A 240 -13.60 -12.55 12.12
N ALA A 241 -12.66 -12.02 12.88
CA ALA A 241 -12.93 -11.43 14.19
C ALA A 241 -12.05 -10.19 14.35
N PRO A 242 -12.40 -9.30 15.29
CA PRO A 242 -11.61 -8.09 15.54
C PRO A 242 -10.11 -8.33 15.68
N LYS A 243 -9.72 -9.42 16.32
CA LYS A 243 -8.29 -9.71 16.53
C LYS A 243 -7.89 -11.09 16.02
N VAL A 244 -8.82 -11.77 15.36
CA VAL A 244 -8.53 -13.07 14.77
C VAL A 244 -9.14 -13.20 13.38
N VAL A 245 -8.30 -13.40 12.37
CA VAL A 245 -8.78 -13.63 11.01
C VAL A 245 -8.20 -14.93 10.47
N ILE A 246 -9.04 -15.72 9.81
CA ILE A 246 -8.65 -17.04 9.34
C ILE A 246 -8.86 -17.20 7.84
N GLN A 247 -7.79 -17.50 7.12
CA GLN A 247 -7.86 -17.68 5.67
C GLN A 247 -7.20 -18.98 5.24
N GLU A 248 -7.49 -19.40 4.02
CA GLU A 248 -6.90 -20.61 3.45
C GLU A 248 -5.39 -20.48 3.35
N TRP A 249 -4.69 -21.58 3.58
CA TRP A 249 -3.23 -21.59 3.51
C TRP A 249 -2.74 -21.82 2.09
N ILE A 250 -2.02 -20.83 1.55
CA ILE A 250 -1.31 -21.02 0.29
C ILE A 250 0.14 -20.61 0.47
N GLU A 251 1.03 -21.20 -0.32
CA GLU A 251 2.44 -20.84 -0.27
C GLU A 251 3.12 -21.11 -1.60
N GLY A 252 4.12 -20.30 -1.91
CA GLY A 252 4.88 -20.45 -3.13
C GLY A 252 6.21 -19.75 -3.00
N VAL A 253 6.68 -19.15 -4.08
CA VAL A 253 7.91 -18.38 -4.05
C VAL A 253 7.60 -16.90 -3.85
N PRO A 254 7.91 -16.38 -2.65
CA PRO A 254 7.69 -14.97 -2.31
C PRO A 254 8.34 -14.04 -3.32
N MET A 255 7.66 -12.94 -3.65
CA MET A 255 8.18 -11.98 -4.61
C MET A 255 9.51 -11.41 -4.15
N ALA A 256 9.68 -11.30 -2.83
CA ALA A 256 10.93 -10.84 -2.24
C ALA A 256 12.07 -11.79 -2.58
N GLU A 257 11.77 -13.08 -2.59
CA GLU A 257 12.77 -14.10 -2.89
C GLU A 257 13.14 -14.09 -4.37
N ILE A 258 12.22 -13.66 -5.21
CA ILE A 258 12.45 -13.56 -6.64
C ILE A 258 13.31 -12.34 -6.97
N ILE A 259 13.06 -11.24 -6.26
CA ILE A 259 13.83 -10.02 -6.43
C ILE A 259 15.31 -10.26 -6.11
N ARG A 260 15.56 -11.01 -5.04
CA ARG A 260 16.92 -11.27 -4.58
C ARG A 260 17.74 -12.08 -5.57
N HIS A 261 17.26 -13.28 -5.92
CA HIS A 261 18.00 -14.16 -6.80
C HIS A 261 17.10 -15.10 -7.60
N GLY A 262 15.96 -14.57 -8.06
CA GLY A 262 15.05 -15.35 -8.88
C GLY A 262 15.55 -15.47 -10.30
N THR A 263 14.98 -16.40 -11.06
CA THR A 263 15.38 -16.60 -12.45
C THR A 263 14.75 -15.54 -13.34
N THR A 264 15.28 -15.38 -14.54
CA THR A 264 14.79 -14.40 -15.50
C THR A 264 13.32 -14.60 -15.79
N GLU A 265 12.92 -15.85 -15.94
CA GLU A 265 11.54 -16.20 -16.27
C GLU A 265 10.61 -15.97 -15.09
N GLN A 266 11.10 -16.24 -13.88
CA GLN A 266 10.34 -15.99 -12.67
C GLN A 266 10.04 -14.50 -12.52
N ARG A 267 11.06 -13.68 -12.75
CA ARG A 267 10.94 -12.24 -12.63
C ARG A 267 9.93 -11.65 -13.63
N ASP A 268 10.04 -12.08 -14.88
CA ASP A 268 9.14 -11.61 -15.93
C ASP A 268 7.69 -12.03 -15.68
N LEU A 269 7.51 -13.26 -15.21
CA LEU A 269 6.18 -13.83 -15.02
C LEU A 269 5.40 -13.10 -13.92
N ILE A 270 5.97 -13.08 -12.71
CA ILE A 270 5.29 -12.47 -11.57
C ILE A 270 5.21 -10.95 -11.75
N GLY A 271 6.11 -10.40 -12.55
CA GLY A 271 6.08 -8.98 -12.86
C GLY A 271 4.95 -8.65 -13.80
N THR A 272 4.70 -9.56 -14.75
CA THR A 272 3.62 -9.40 -15.70
C THR A 272 2.27 -9.56 -15.01
N LEU A 273 2.19 -10.50 -14.09
CA LEU A 273 0.96 -10.75 -13.34
C LEU A 273 0.63 -9.58 -12.41
N LEU A 274 1.67 -8.99 -11.83
CA LEU A 274 1.49 -7.85 -10.93
C LEU A 274 0.96 -6.65 -11.69
N ALA A 275 1.48 -6.44 -12.90
CA ALA A 275 1.05 -5.32 -13.73
C ALA A 275 -0.37 -5.53 -14.22
N GLU A 276 -0.74 -6.78 -14.48
CA GLU A 276 -2.09 -7.10 -14.94
C GLU A 276 -3.11 -6.90 -13.83
N LEU A 277 -2.75 -7.30 -12.61
CA LEU A 277 -3.63 -7.16 -11.46
C LEU A 277 -3.96 -5.70 -11.19
N THR A 278 -2.99 -4.82 -11.46
CA THR A 278 -3.15 -3.39 -11.23
C THR A 278 -4.30 -2.80 -12.03
N PHE A 279 -4.47 -3.29 -13.25
CA PHE A 279 -5.45 -2.71 -14.17
C PHE A 279 -6.75 -3.52 -14.23
N ASP A 280 -6.67 -4.81 -13.92
CA ASP A 280 -7.84 -5.68 -14.04
C ASP A 280 -8.78 -5.53 -12.84
N ALA A 281 -8.21 -5.31 -11.66
CA ALA A 281 -8.99 -5.17 -10.43
C ALA A 281 -10.01 -4.02 -10.48
N PRO A 282 -9.61 -2.82 -10.94
CA PRO A 282 -10.63 -1.76 -10.96
C PRO A 282 -11.73 -2.00 -12.00
N ARG A 283 -11.39 -2.63 -13.12
CA ARG A 283 -12.37 -2.88 -14.17
C ARG A 283 -13.34 -3.99 -13.78
N ARG A 284 -12.86 -4.96 -13.01
CA ARG A 284 -13.63 -6.15 -12.68
C ARG A 284 -14.31 -6.06 -11.32
N LEU A 285 -13.65 -5.42 -10.37
CA LEU A 285 -14.10 -5.44 -8.98
C LEU A 285 -14.49 -4.06 -8.47
N GLY A 286 -14.15 -3.02 -9.23
CA GLY A 286 -14.42 -1.66 -8.83
C GLY A 286 -13.57 -1.29 -7.63
N LEU A 287 -12.45 -1.99 -7.48
CA LEU A 287 -11.52 -1.76 -6.38
C LEU A 287 -10.10 -1.84 -6.90
N MET A 288 -9.18 -1.17 -6.22
CA MET A 288 -7.77 -1.28 -6.57
C MET A 288 -6.95 -1.70 -5.37
N HIS A 289 -6.24 -2.81 -5.50
CA HIS A 289 -5.32 -3.27 -4.46
C HIS A 289 -4.32 -2.15 -4.19
N GLY A 290 -4.26 -1.71 -2.94
CA GLY A 290 -3.46 -0.55 -2.57
C GLY A 290 -1.98 -0.70 -2.79
N ASP A 291 -1.22 0.29 -2.31
CA ASP A 291 0.24 0.29 -2.46
C ASP A 291 0.83 -1.05 -2.06
N ALA A 292 1.45 -1.71 -3.03
CA ALA A 292 1.87 -3.09 -2.90
C ALA A 292 3.28 -3.24 -2.35
N HIS A 293 3.41 -4.15 -1.40
CA HIS A 293 4.71 -4.56 -0.88
C HIS A 293 4.94 -6.00 -1.32
N PRO A 294 6.19 -6.34 -1.68
CA PRO A 294 6.55 -7.69 -2.13
C PRO A 294 6.06 -8.81 -1.20
N GLY A 295 5.87 -8.48 0.08
CA GLY A 295 5.38 -9.46 1.04
C GLY A 295 3.94 -9.87 0.81
N ASN A 296 3.23 -9.10 -0.01
CA ASN A 296 1.84 -9.39 -0.31
C ASN A 296 1.69 -10.42 -1.41
N PHE A 297 2.78 -10.71 -2.12
CA PHE A 297 2.71 -11.54 -3.31
C PHE A 297 3.67 -12.72 -3.31
N MET A 298 3.33 -13.72 -4.12
CA MET A 298 4.13 -14.93 -4.26
C MET A 298 3.82 -15.60 -5.59
N LEU A 299 4.81 -16.31 -6.15
CA LEU A 299 4.60 -17.03 -7.39
C LEU A 299 4.28 -18.49 -7.11
N LEU A 300 3.08 -18.92 -7.51
CA LEU A 300 2.65 -20.30 -7.30
C LEU A 300 3.27 -21.22 -8.35
N PRO A 301 3.48 -22.50 -7.99
CA PRO A 301 4.13 -23.46 -8.89
C PRO A 301 3.43 -23.63 -10.24
N ASP A 302 2.11 -23.43 -10.28
CA ASP A 302 1.36 -23.59 -11.53
C ASP A 302 1.44 -22.35 -12.42
N GLY A 303 2.19 -21.34 -11.97
CA GLY A 303 2.39 -20.15 -12.76
C GLY A 303 1.48 -18.99 -12.40
N ARG A 304 0.73 -19.13 -11.31
CA ARG A 304 -0.15 -18.07 -10.85
C ARG A 304 0.50 -17.23 -9.76
N MET A 305 -0.04 -16.05 -9.53
CA MET A 305 0.44 -15.18 -8.45
C MET A 305 -0.50 -15.24 -7.25
N GLY A 306 0.06 -15.47 -6.08
CA GLY A 306 -0.72 -15.48 -4.85
C GLY A 306 -0.78 -14.11 -4.21
N ILE A 307 -1.96 -13.74 -3.72
CA ILE A 307 -2.18 -12.45 -3.08
C ILE A 307 -2.78 -12.66 -1.69
N ILE A 308 -2.04 -12.29 -0.65
CA ILE A 308 -2.44 -12.65 0.71
C ILE A 308 -2.89 -11.47 1.58
N ASP A 309 -2.51 -10.26 1.21
CA ASP A 309 -2.82 -9.09 2.03
C ASP A 309 -3.76 -8.13 1.30
N PHE A 310 -4.78 -7.65 2.01
CA PHE A 310 -5.74 -6.72 1.43
C PHE A 310 -6.14 -5.62 2.42
N GLY A 311 -5.19 -5.19 3.24
CA GLY A 311 -5.44 -4.14 4.21
C GLY A 311 -5.22 -2.75 3.65
N ALA A 312 -5.12 -2.66 2.33
CA ALA A 312 -4.81 -1.39 1.68
C ALA A 312 -5.71 -1.09 0.49
N VAL A 313 -6.78 -1.86 0.33
CA VAL A 313 -7.67 -1.71 -0.82
C VAL A 313 -8.30 -0.32 -0.89
N ALA A 314 -8.18 0.32 -2.06
CA ALA A 314 -8.78 1.63 -2.30
C ALA A 314 -9.97 1.51 -3.25
N PRO A 315 -11.02 2.31 -3.00
CA PRO A 315 -12.24 2.25 -3.81
C PRO A 315 -12.10 2.91 -5.19
N MET A 316 -12.49 2.17 -6.23
CA MET A 316 -12.53 2.70 -7.59
C MET A 316 -13.84 2.32 -8.26
N PRO A 317 -14.96 2.90 -7.79
CA PRO A 317 -16.32 2.51 -8.21
C PRO A 317 -16.55 2.58 -9.71
N GLY A 318 -16.19 3.70 -10.33
CA GLY A 318 -16.39 3.88 -11.75
C GLY A 318 -15.30 3.26 -12.60
N GLY A 319 -14.50 2.41 -11.97
CA GLY A 319 -13.39 1.76 -12.66
C GLY A 319 -12.24 2.72 -12.92
N PHE A 320 -11.32 2.31 -13.77
CA PHE A 320 -10.17 3.13 -14.13
C PHE A 320 -10.61 4.33 -14.95
N PRO A 321 -10.13 5.53 -14.58
CA PRO A 321 -10.46 6.77 -15.29
C PRO A 321 -10.04 6.72 -16.76
N ILE A 322 -10.82 7.36 -17.63
CA ILE A 322 -10.57 7.29 -19.06
C ILE A 322 -9.51 8.32 -19.48
N GLU A 323 -9.34 9.35 -18.67
CA GLU A 323 -8.39 10.42 -18.99
C GLU A 323 -6.94 9.95 -18.94
N LEU A 324 -6.65 9.03 -18.04
CA LEU A 324 -5.28 8.55 -17.84
C LEU A 324 -4.76 7.80 -19.06
N GLY A 325 -5.51 6.80 -19.50
CA GLY A 325 -5.15 6.03 -20.68
C GLY A 325 -5.14 6.90 -21.92
N MET A 326 -6.07 7.84 -21.98
CA MET A 326 -6.18 8.76 -23.11
C MET A 326 -5.00 9.73 -23.14
N THR A 327 -4.55 10.14 -21.96
CA THR A 327 -3.41 11.06 -21.85
C THR A 327 -2.13 10.41 -22.37
N ILE A 328 -1.88 9.18 -21.94
CA ILE A 328 -0.69 8.45 -22.35
C ILE A 328 -0.69 8.19 -23.84
N ARG A 329 -1.87 7.90 -24.39
CA ARG A 329 -2.02 7.68 -25.83
C ARG A 329 -1.61 8.93 -26.60
N LEU A 330 -2.14 10.08 -26.20
CA LEU A 330 -1.83 11.33 -26.87
C LEU A 330 -0.38 11.77 -26.61
N ALA A 331 0.17 11.35 -25.47
CA ALA A 331 1.54 11.70 -25.12
C ALA A 331 2.54 10.95 -26.00
N ARG A 332 2.23 9.70 -26.31
CA ARG A 332 3.11 8.88 -27.15
C ARG A 332 3.11 9.38 -28.58
N GLU A 333 1.94 9.78 -29.06
CA GLU A 333 1.78 10.23 -30.44
C GLU A 333 2.18 11.70 -30.60
N LYS A 334 2.68 12.29 -29.51
CA LYS A 334 3.14 13.67 -29.49
C LYS A 334 2.06 14.66 -29.91
N ASN A 335 0.81 14.28 -29.70
CA ASN A 335 -0.32 15.15 -30.02
C ASN A 335 -0.53 16.17 -28.91
N TYR A 336 0.40 17.12 -28.79
CA TYR A 336 0.35 18.13 -27.75
C TYR A 336 -0.86 19.05 -27.90
N ASP A 337 -1.40 19.10 -29.11
CA ASP A 337 -2.56 19.95 -29.39
C ASP A 337 -3.79 19.46 -28.63
N LEU A 338 -3.94 18.15 -28.54
CA LEU A 338 -5.06 17.55 -27.84
C LEU A 338 -4.67 17.06 -26.45
N LEU A 339 -3.36 17.06 -26.17
CA LEU A 339 -2.84 16.57 -24.90
C LEU A 339 -3.08 17.55 -23.76
N LEU A 340 -2.64 18.79 -23.97
CA LEU A 340 -2.74 19.82 -22.94
C LEU A 340 -4.18 20.15 -22.51
N PRO A 341 -5.12 20.27 -23.47
CA PRO A 341 -6.49 20.49 -23.01
C PRO A 341 -7.06 19.30 -22.23
N THR A 342 -6.61 18.10 -22.57
CA THR A 342 -7.06 16.89 -21.89
C THR A 342 -6.53 16.84 -20.45
N MET A 343 -5.24 17.13 -20.30
CA MET A 343 -4.61 17.11 -18.97
C MET A 343 -5.16 18.23 -18.09
N GLU A 344 -5.59 19.32 -18.72
CA GLU A 344 -6.18 20.43 -17.97
C GLU A 344 -7.56 20.05 -17.44
N LYS A 345 -8.37 19.45 -18.30
CA LYS A 345 -9.70 18.98 -17.91
C LYS A 345 -9.62 17.91 -16.83
N ALA A 346 -8.70 16.96 -17.02
CA ALA A 346 -8.53 15.85 -16.09
C ALA A 346 -8.06 16.34 -14.73
N GLY A 347 -7.06 17.20 -14.72
CA GLY A 347 -6.52 17.75 -13.48
C GLY A 347 -5.06 17.39 -13.28
N LEU A 348 -4.39 16.99 -14.35
CA LEU A 348 -2.97 16.68 -14.30
C LEU A 348 -2.13 17.96 -14.23
N ILE A 349 -2.60 19.00 -14.92
CA ILE A 349 -1.94 20.29 -14.89
C ILE A 349 -2.91 21.36 -14.38
N GLN A 350 -2.36 22.43 -13.80
CA GLN A 350 -3.19 23.49 -13.21
C GLN A 350 -3.94 24.28 -14.28
N ARG A 351 -5.17 24.66 -13.96
CA ARG A 351 -5.99 25.46 -14.86
C ARG A 351 -5.42 26.87 -15.03
N GLY A 352 -5.44 27.36 -16.28
CA GLY A 352 -5.03 28.72 -16.58
C GLY A 352 -3.60 29.07 -16.21
N ARG A 353 -2.67 28.23 -16.63
CA ARG A 353 -1.25 28.47 -16.38
C ARG A 353 -0.42 28.09 -17.60
N GLN A 354 0.67 28.83 -17.81
CA GLN A 354 1.59 28.50 -18.90
C GLN A 354 2.24 27.14 -18.64
N VAL A 355 2.25 26.30 -19.68
CA VAL A 355 2.73 24.94 -19.54
C VAL A 355 3.88 24.64 -20.51
N SER A 356 4.98 24.13 -19.97
CA SER A 356 6.13 23.75 -20.77
C SER A 356 6.01 22.32 -21.29
N VAL A 357 6.12 22.16 -22.61
CA VAL A 357 6.12 20.84 -23.24
C VAL A 357 7.28 20.00 -22.69
N ARG A 358 8.41 20.67 -22.48
CA ARG A 358 9.60 20.01 -21.97
C ARG A 358 9.34 19.33 -20.62
N GLU A 359 8.54 19.97 -19.77
CA GLU A 359 8.24 19.41 -18.45
C GLU A 359 7.12 18.36 -18.52
N ILE A 360 6.21 18.52 -19.49
CA ILE A 360 5.15 17.55 -19.71
C ILE A 360 5.74 16.19 -20.05
N ASP A 361 6.77 16.21 -20.91
CA ASP A 361 7.45 14.99 -21.30
C ASP A 361 8.12 14.30 -20.11
N GLU A 362 8.77 15.08 -19.25
CA GLU A 362 9.37 14.52 -18.03
C GLU A 362 8.30 13.96 -17.11
N MET A 363 7.13 14.59 -17.14
CA MET A 363 6.05 14.25 -16.23
C MET A 363 5.40 12.91 -16.57
N LEU A 364 5.43 12.53 -17.84
CA LEU A 364 4.72 11.34 -18.29
C LEU A 364 5.62 10.23 -18.82
N ARG A 365 6.92 10.51 -18.92
CA ARG A 365 7.85 9.57 -19.56
C ARG A 365 7.96 8.24 -18.82
N GLN A 366 7.66 8.23 -17.52
CA GLN A 366 7.69 6.98 -16.76
C GLN A 366 6.53 6.09 -17.17
N TYR A 367 5.50 6.69 -17.75
CA TYR A 367 4.32 5.94 -18.20
C TYR A 367 4.34 5.68 -19.70
N VAL A 368 4.96 6.60 -20.45
CA VAL A 368 4.94 6.53 -21.91
C VAL A 368 6.03 5.62 -22.48
N GLU A 369 7.24 5.72 -21.93
CA GLU A 369 8.35 4.90 -22.40
C GLU A 369 8.10 3.38 -22.32
N PRO A 370 7.43 2.90 -21.26
CA PRO A 370 7.17 1.45 -21.25
C PRO A 370 6.27 0.97 -22.40
N ILE A 371 5.33 1.80 -22.85
CA ILE A 371 4.38 1.35 -23.87
C ILE A 371 4.81 1.73 -25.29
N GLN A 372 6.04 2.24 -25.43
CA GLN A 372 6.57 2.55 -26.76
C GLN A 372 7.24 1.33 -27.38
N VAL A 373 7.23 0.22 -26.64
CA VAL A 373 7.73 -1.05 -27.15
C VAL A 373 6.73 -2.16 -26.82
N GLU A 374 6.93 -3.34 -27.42
CA GLU A 374 6.01 -4.45 -27.19
C GLU A 374 6.34 -5.19 -25.90
N VAL A 375 7.63 -5.29 -25.58
CA VAL A 375 8.06 -5.86 -24.31
C VAL A 375 9.09 -4.96 -23.65
N PHE A 376 8.67 -4.25 -22.61
CA PHE A 376 9.54 -3.31 -21.93
C PHE A 376 10.33 -4.00 -20.81
N HIS A 377 11.59 -3.63 -20.69
CA HIS A 377 12.45 -4.18 -19.66
C HIS A 377 12.61 -3.21 -18.48
N TYR A 378 11.77 -3.37 -17.46
CA TYR A 378 11.84 -2.54 -16.28
C TYR A 378 13.13 -2.78 -15.50
N THR A 379 14.08 -1.85 -15.64
CA THR A 379 15.35 -1.97 -14.93
C THR A 379 15.50 -0.84 -13.91
N ARG A 380 16.43 -1.01 -12.98
CA ARG A 380 16.73 0.03 -12.01
C ARG A 380 17.46 1.19 -12.66
N LYS A 381 18.25 0.88 -13.69
CA LYS A 381 18.99 1.90 -14.42
C LYS A 381 18.05 2.84 -15.14
N TRP A 382 16.96 2.30 -15.68
CA TRP A 382 15.93 3.12 -16.32
C TRP A 382 15.24 4.01 -15.29
N LEU A 383 14.99 3.47 -14.11
CA LEU A 383 14.35 4.23 -13.04
C LEU A 383 15.23 5.38 -12.59
N GLN A 384 16.55 5.18 -12.66
CA GLN A 384 17.50 6.23 -12.30
C GLN A 384 17.47 7.35 -13.32
N LYS A 385 17.27 7.00 -14.60
CA LYS A 385 17.19 7.98 -15.66
C LYS A 385 15.92 8.82 -15.55
N MET A 386 14.90 8.24 -14.94
CA MET A 386 13.63 8.94 -14.74
C MET A 386 13.76 10.03 -13.67
N THR A 387 14.78 9.91 -12.84
CA THR A 387 15.02 10.88 -11.78
C THR A 387 16.00 11.97 -12.21
N VAL A 388 16.17 12.10 -13.52
CA VAL A 388 17.08 13.10 -14.08
C VAL A 388 16.31 14.13 -14.89
N SER A 389 16.31 15.37 -14.42
CA SER A 389 15.59 16.44 -15.08
C SER A 389 16.50 17.28 -15.97
N GLN A 390 16.04 17.58 -17.18
CA GLN A 390 16.78 18.49 -18.05
C GLN A 390 16.46 19.94 -17.70
N ILE A 391 15.52 20.15 -16.78
CA ILE A 391 15.22 21.48 -16.27
C ILE A 391 16.11 21.83 -15.08
N ASP A 392 16.76 22.99 -15.15
CA ASP A 392 17.65 23.44 -14.09
C ASP A 392 17.16 24.77 -13.52
N ARG A 393 17.07 24.86 -12.20
CA ARG A 393 16.61 26.08 -11.56
C ARG A 393 17.71 27.13 -11.51
N THR A 400 6.29 25.90 -11.43
CA THR A 400 5.78 24.53 -11.41
C THR A 400 4.46 24.42 -12.19
N ALA A 401 4.42 23.50 -13.14
CA ALA A 401 3.21 23.30 -13.95
C ALA A 401 2.44 22.07 -13.47
N ARG A 402 3.03 21.25 -12.64
CA ARG A 402 2.34 20.11 -12.11
C ARG A 402 1.16 20.52 -11.27
N GLN A 403 0.22 19.60 -11.13
CA GLN A 403 -0.87 19.74 -10.17
C GLN A 403 -0.50 19.01 -8.88
N MET A 404 -0.30 19.76 -7.81
CA MET A 404 0.12 19.19 -6.55
C MET A 404 -1.07 18.77 -5.69
N ASP A 405 -2.27 18.93 -6.23
CA ASP A 405 -3.49 18.46 -5.58
C ASP A 405 -4.37 17.75 -6.60
N LEU A 406 -3.94 16.57 -7.03
CA LEU A 406 -4.70 15.77 -7.98
C LEU A 406 -6.03 15.33 -7.38
N PRO A 407 -7.09 15.29 -8.20
CA PRO A 407 -8.37 14.74 -7.76
C PRO A 407 -8.21 13.28 -7.34
N ALA A 408 -9.04 12.83 -6.40
CA ALA A 408 -8.90 11.52 -5.79
C ALA A 408 -8.90 10.37 -6.80
N LYS A 409 -9.73 10.47 -7.83
CA LYS A 409 -9.88 9.38 -8.79
C LYS A 409 -8.67 9.28 -9.72
N LEU A 410 -7.84 10.31 -9.75
CA LEU A 410 -6.60 10.27 -10.52
C LEU A 410 -5.41 10.03 -9.61
N ALA A 411 -5.49 10.52 -8.38
CA ALA A 411 -4.40 10.38 -7.42
C ALA A 411 -4.22 8.94 -6.98
N ILE A 412 -5.33 8.24 -6.76
CA ILE A 412 -5.29 6.85 -6.29
C ILE A 412 -4.58 5.90 -7.27
N PRO A 413 -4.98 5.87 -8.55
CA PRO A 413 -4.31 4.89 -9.41
C PRO A 413 -2.87 5.26 -9.75
N MET A 414 -2.59 6.54 -9.92
CA MET A 414 -1.25 6.99 -10.30
C MET A 414 -0.21 6.67 -9.23
N ARG A 415 -0.60 6.76 -7.97
CA ARG A 415 0.28 6.39 -6.87
C ARG A 415 0.54 4.89 -6.88
N VAL A 416 -0.51 4.12 -7.10
CA VAL A 416 -0.40 2.67 -7.15
C VAL A 416 0.48 2.22 -8.31
N ILE A 417 0.23 2.79 -9.49
CA ILE A 417 1.02 2.47 -10.68
C ILE A 417 2.49 2.80 -10.47
N ALA A 418 2.75 3.92 -9.81
CA ALA A 418 4.12 4.33 -9.51
C ALA A 418 4.82 3.34 -8.58
N SER A 419 4.08 2.85 -7.60
CA SER A 419 4.63 1.88 -6.64
C SER A 419 4.85 0.52 -7.30
N VAL A 420 3.91 0.13 -8.16
CA VAL A 420 4.03 -1.11 -8.90
C VAL A 420 5.22 -1.05 -9.86
N GLY A 421 5.36 0.09 -10.54
CA GLY A 421 6.45 0.29 -11.47
C GLY A 421 7.81 0.21 -10.81
N ALA A 422 7.88 0.64 -9.55
CA ALA A 422 9.12 0.58 -8.79
C ALA A 422 9.50 -0.87 -8.49
N ILE A 423 8.50 -1.68 -8.17
CA ILE A 423 8.71 -3.09 -7.88
C ILE A 423 9.16 -3.85 -9.13
N LEU A 424 8.59 -3.49 -10.28
CA LEU A 424 8.94 -4.12 -11.54
C LEU A 424 10.41 -3.88 -11.89
N CYS A 425 10.95 -2.74 -11.45
CA CYS A 425 12.35 -2.41 -11.70
C CYS A 425 13.27 -3.19 -10.77
N GLN A 426 12.80 -3.45 -9.55
CA GLN A 426 13.55 -4.28 -8.61
C GLN A 426 13.58 -5.72 -9.09
N LEU A 427 12.55 -6.10 -9.82
CA LEU A 427 12.45 -7.45 -10.39
C LEU A 427 13.31 -7.60 -11.64
N ASP A 428 13.65 -6.47 -12.25
CA ASP A 428 14.33 -6.46 -13.56
C ASP A 428 13.51 -7.25 -14.57
N ALA A 429 12.19 -7.05 -14.52
CA ALA A 429 11.25 -7.87 -15.26
C ALA A 429 10.96 -7.37 -16.67
N HIS A 430 10.72 -8.31 -17.58
CA HIS A 430 10.27 -7.97 -18.93
C HIS A 430 8.75 -8.11 -19.00
N VAL A 431 8.06 -7.00 -19.20
CA VAL A 431 6.61 -7.00 -19.17
C VAL A 431 6.00 -6.44 -20.45
N PRO A 432 5.08 -7.20 -21.07
CA PRO A 432 4.31 -6.72 -22.21
C PRO A 432 3.26 -5.71 -21.77
N ILE A 433 3.70 -4.57 -21.26
CA ILE A 433 2.81 -3.57 -20.68
C ILE A 433 1.96 -2.89 -21.76
N LYS A 434 2.50 -2.80 -22.97
CA LYS A 434 1.79 -2.17 -24.08
C LYS A 434 0.49 -2.91 -24.38
N ALA A 435 0.58 -4.24 -24.42
CA ALA A 435 -0.58 -5.08 -24.70
C ALA A 435 -1.61 -5.00 -23.57
N LEU A 436 -1.12 -5.11 -22.33
CA LEU A 436 -1.98 -5.05 -21.16
C LEU A 436 -2.75 -3.74 -21.09
N SER A 437 -2.09 -2.65 -21.48
CA SER A 437 -2.70 -1.33 -21.44
C SER A 437 -3.82 -1.20 -22.47
N GLU A 438 -3.58 -1.73 -23.67
CA GLU A 438 -4.57 -1.70 -24.74
C GLU A 438 -5.83 -2.47 -24.35
N GLU A 439 -5.63 -3.57 -23.63
CA GLU A 439 -6.74 -4.45 -23.25
C GLU A 439 -7.54 -3.94 -22.06
N LEU A 440 -6.84 -3.47 -21.03
CA LEU A 440 -7.48 -3.19 -19.74
C LEU A 440 -7.67 -1.71 -19.44
N ILE A 441 -6.74 -0.87 -19.90
CA ILE A 441 -6.80 0.56 -19.57
C ILE A 441 -7.63 1.35 -20.59
N PRO A 442 -8.78 1.87 -20.15
CA PRO A 442 -9.71 2.61 -21.02
C PRO A 442 -9.12 3.91 -21.55
N GLY A 443 -9.22 4.12 -22.85
CA GLY A 443 -8.74 5.34 -23.47
C GLY A 443 -7.37 5.18 -24.12
N PHE A 444 -6.63 4.16 -23.70
CA PHE A 444 -5.28 3.95 -24.20
C PHE A 444 -5.30 3.39 -25.62
N ALA A 445 -6.17 2.43 -25.86
CA ALA A 445 -6.32 1.85 -27.19
C ALA A 445 -6.91 2.87 -28.14
N GLU A 446 -6.35 2.95 -29.34
CA GLU A 446 -6.81 3.91 -30.34
C GLU A 446 -8.21 3.53 -30.85
N PRO A 447 -9.15 4.49 -30.78
CA PRO A 447 -10.54 4.28 -31.19
C PRO A 447 -10.67 3.89 -32.66
C10 ERY B . -4.55 3.23 2.70
C11 ERY B . -3.55 3.64 1.60
C12 ERY B . -3.99 3.40 0.14
C13 ERY B . -3.81 4.71 -0.64
O2 ERY B . -5.02 5.50 -0.48
C2 ERY B . -6.23 7.46 -1.01
C3 ERY B . -7.07 7.74 0.27
C4 ERY B . -7.42 6.42 0.97
C5 ERY B . -7.98 6.63 2.40
C6 ERY B . -6.94 6.32 3.48
C7 ERY B . -6.84 4.82 3.78
C8 ERY B . -5.69 4.44 4.71
C9 ERY B . -4.41 4.03 3.98
O11 ERY B . -3.33 4.37 4.39
C1 ERY B . -4.92 6.80 -0.63
O1 ERY B . -3.89 7.40 -0.50
O3 ERY B . -8.29 8.44 -0.02
O7 ERY B . -9.10 5.77 2.66
C34 ERY B . -4.49 1.76 3.09
C33 ERY B . -6.14 3.27 5.57
C35 ERY B . -5.41 2.99 0.06
O12 ERY B . -2.33 2.94 1.75
O13 ERY B . -3.04 2.61 -0.64
C36 ERY B . -3.59 4.51 -2.14
C30 ERY B . -5.95 8.71 -1.81
C32 ERY B . -7.26 7.09 4.75
O10 ERY B . -5.65 6.71 3.00
C22 ERY B . -10.35 6.34 2.86
C23 ERY B . -11.38 5.22 2.92
C24 ERY B . -12.73 5.84 3.18
C25 ERY B . -12.68 6.65 4.47
C26 ERY B . -11.61 7.70 4.35
O9 ERY B . -10.35 7.06 4.06
N1 ERY B . -13.81 4.86 3.02
C27 ERY B . -11.41 8.49 5.61
O8 ERY B . -11.40 4.52 1.68
C28 ERY B . -15.03 5.23 3.73
C14 ERY B . -8.27 9.83 0.13
C15 ERY B . -9.36 10.43 -0.72
C16 ERY B . -10.75 10.29 -0.14
C17 ERY B . -10.72 10.77 1.30
C18 ERY B . -9.64 10.07 2.10
O4 ERY B . -8.35 10.25 1.48
O5 ERY B . -11.18 8.92 -0.05
O6 ERY B . -11.96 10.53 1.93
C20 ERY B . -11.57 8.26 -1.23
C29 ERY B . -14.11 4.59 1.63
C21 ERY B . -9.49 10.67 3.47
C37 ERY B . -4.63 3.91 -3.00
C31 ERY B . -8.30 5.54 0.09
C19 ERY B . -11.74 11.10 -0.95
#